data_5XZ6
#
_entry.id   5XZ6
#
_cell.length_a   89.410
_cell.length_b   37.010
_cell.length_c   101.135
_cell.angle_alpha   90.00
_cell.angle_beta   103.36
_cell.angle_gamma   90.00
#
_symmetry.space_group_name_H-M   'I 1 2 1'
#
loop_
_entity.id
_entity.type
_entity.pdbx_description
1 polymer 'ATP-dependent 6-phosphofructokinase'
2 non-polymer GLYCEROL
3 non-polymer 'PHOSPHOAMINOPHOSPHONIC ACID-ADENYLATE ESTER'
4 water water
#
_entity_poly.entity_id   1
_entity_poly.type   'polypeptide(L)'
_entity_poly.pdbx_seq_one_letter_code
;MKKIAVLTSGGDSPGMNAAVRAVVRTAIYNEIEVYGVYHGYQGLLNDDIHKLELGSVGDTIQRGGTFLYSARCPEFKEQE
VRKVAIENLRKRGIEGLVVIGGDGSYRGAQRISEECKEIQTIGIPGTIDNDINGTDFTIGFDTALNTIIGLVDKIRDTAS
SHARTFIIEAMGRDCGDLALWAGLSVGAETIVVPEVKTDIKEIADKIEQGIKRGKKHSIVLVAEGCMTAQDCQKELSQYI
NVDNRVSVLGHVQRGGSPTGADRVLASRLGGYAVDLLMQGETAKGVGIKNNKIVATSFDEIFDGKDHKFDYSLYELANKL
SILEHHHHHH
;
_entity_poly.pdbx_strand_id   A
#
loop_
_chem_comp.id
_chem_comp.type
_chem_comp.name
_chem_comp.formula
ANP non-polymer 'PHOSPHOAMINOPHOSPHONIC ACID-ADENYLATE ESTER' 'C10 H17 N6 O12 P3'
GOL non-polymer GLYCEROL 'C3 H8 O3'
#
# COMPACT_ATOMS: atom_id res chain seq x y z
N MET A 1 -26.45 4.58 13.37
CA MET A 1 -25.28 3.65 13.18
C MET A 1 -25.15 2.60 14.31
N LYS A 2 -25.90 1.51 14.19
CA LYS A 2 -25.93 0.44 15.22
C LYS A 2 -25.15 -0.85 14.88
N LYS A 3 -24.95 -1.11 13.58
CA LYS A 3 -24.09 -2.20 13.11
C LYS A 3 -23.14 -1.74 12.03
N ILE A 4 -21.86 -2.09 12.19
CA ILE A 4 -20.78 -1.83 11.23
C ILE A 4 -20.17 -3.14 10.77
N ALA A 5 -19.99 -3.28 9.46
CA ALA A 5 -19.13 -4.33 8.90
C ALA A 5 -17.79 -3.72 8.47
N VAL A 6 -16.73 -4.53 8.50
CA VAL A 6 -15.41 -4.16 7.99
C VAL A 6 -14.77 -5.29 7.17
N LEU A 7 -13.99 -4.90 6.14
CA LEU A 7 -13.40 -5.85 5.18
C LEU A 7 -12.04 -5.38 4.71
N THR A 8 -11.23 -6.32 4.25
CA THR A 8 -9.91 -6.03 3.69
C THR A 8 -9.87 -6.49 2.27
N SER A 9 -9.38 -5.64 1.37
CA SER A 9 -9.40 -5.91 -0.08
C SER A 9 -8.13 -5.46 -0.80
N GLY A 10 -7.83 -6.15 -1.90
CA GLY A 10 -6.67 -5.88 -2.72
C GLY A 10 -5.39 -6.45 -2.18
N GLY A 11 -4.26 -5.90 -2.58
CA GLY A 11 -2.99 -6.35 -2.03
C GLY A 11 -2.97 -6.16 -0.51
N ASP A 12 -2.60 -7.21 0.24
CA ASP A 12 -2.43 -7.03 1.71
C ASP A 12 -1.21 -6.17 2.02
N SER A 13 -1.38 -5.21 2.94
CA SER A 13 -0.26 -4.37 3.40
C SER A 13 -0.13 -4.41 4.92
N PRO A 14 1.11 -4.26 5.44
CA PRO A 14 1.38 -4.18 6.86
C PRO A 14 0.56 -3.10 7.56
N GLY A 15 -0.24 -3.51 8.54
CA GLY A 15 -1.04 -2.58 9.32
C GLY A 15 -2.52 -2.74 9.07
N MET A 16 -2.87 -3.54 8.06
CA MET A 16 -4.27 -3.94 7.86
C MET A 16 -4.90 -4.49 9.15
N ASN A 17 -4.16 -5.30 9.90
CA ASN A 17 -4.67 -5.87 11.16
C ASN A 17 -4.88 -4.84 12.24
N ALA A 18 -3.90 -3.97 12.38
CA ALA A 18 -4.01 -2.83 13.31
C ALA A 18 -5.25 -1.99 13.00
N ALA A 19 -5.51 -1.79 11.70
CA ALA A 19 -6.64 -0.98 11.25
C ALA A 19 -7.99 -1.60 11.59
N VAL A 20 -8.12 -2.89 11.31
CA VAL A 20 -9.26 -3.70 11.78
C VAL A 20 -9.43 -3.61 13.30
N ARG A 21 -8.34 -3.89 14.01
CA ARG A 21 -8.33 -3.85 15.45
C ARG A 21 -8.89 -2.53 15.95
N ALA A 22 -8.43 -1.44 15.33
CA ALA A 22 -8.90 -0.10 15.67
C ALA A 22 -10.40 0.08 15.42
N VAL A 23 -10.87 -0.24 14.22
CA VAL A 23 -12.30 -0.23 13.89
C VAL A 23 -13.17 -1.01 14.89
N VAL A 24 -12.81 -2.26 15.12
CA VAL A 24 -13.55 -3.15 16.04
C VAL A 24 -13.64 -2.55 17.45
N ARG A 25 -12.48 -2.32 18.07
CA ARG A 25 -12.37 -1.73 19.42
C ARG A 25 -13.15 -0.41 19.60
N THR A 26 -12.93 0.51 18.68
CA THR A 26 -13.63 1.82 18.65
C THR A 26 -15.14 1.63 18.58
N ALA A 27 -15.60 0.69 17.77
CA ALA A 27 -17.03 0.52 17.51
C ALA A 27 -17.74 -0.01 18.74
N ILE A 28 -17.20 -1.11 19.26
CA ILE A 28 -17.70 -1.76 20.47
C ILE A 28 -17.66 -0.80 21.65
N TYR A 29 -16.57 -0.07 21.80
CA TYR A 29 -16.49 0.93 22.84
C TYR A 29 -17.65 1.94 22.76
N ASN A 30 -18.08 2.28 21.55
CA ASN A 30 -19.22 3.17 21.31
C ASN A 30 -20.54 2.41 21.20
N GLU A 31 -20.54 1.19 21.72
CA GLU A 31 -21.71 0.33 21.77
C GLU A 31 -22.33 0.04 20.40
N ILE A 32 -21.47 -0.13 19.40
CA ILE A 32 -21.87 -0.57 18.06
C ILE A 32 -21.45 -2.03 17.83
N GLU A 33 -22.33 -2.82 17.26
CA GLU A 33 -22.00 -4.20 16.88
C GLU A 33 -21.23 -4.19 15.57
N VAL A 34 -20.23 -5.06 15.47
CA VAL A 34 -19.28 -5.05 14.34
C VAL A 34 -19.20 -6.43 13.74
N TYR A 35 -19.10 -6.47 12.42
CA TYR A 35 -19.15 -7.71 11.69
C TYR A 35 -17.95 -7.79 10.79
N GLY A 36 -17.22 -8.89 10.92
CA GLY A 36 -16.03 -9.15 10.13
C GLY A 36 -16.44 -9.83 8.86
N VAL A 37 -16.14 -9.20 7.73
CA VAL A 37 -16.30 -9.77 6.38
C VAL A 37 -14.98 -10.40 5.94
N TYR A 38 -15.02 -11.69 5.61
CA TYR A 38 -13.79 -12.43 5.28
C TYR A 38 -13.64 -12.48 3.78
N HIS A 39 -12.40 -12.59 3.29
CA HIS A 39 -12.07 -12.72 1.87
C HIS A 39 -12.55 -11.56 0.96
N GLY A 40 -12.17 -10.35 1.32
CA GLY A 40 -12.52 -9.18 0.56
C GLY A 40 -13.97 -9.20 0.14
N TYR A 41 -14.22 -8.69 -1.06
CA TYR A 41 -15.55 -8.65 -1.62
C TYR A 41 -16.12 -10.03 -2.03
N GLN A 42 -15.25 -11.03 -2.20
CA GLN A 42 -15.71 -12.43 -2.39
C GLN A 42 -16.50 -12.90 -1.21
N GLY A 43 -15.98 -12.62 -0.02
CA GLY A 43 -16.70 -12.87 1.20
C GLY A 43 -18.05 -12.24 1.20
N LEU A 44 -18.12 -10.99 0.78
CA LEU A 44 -19.38 -10.22 0.73
C LEU A 44 -20.50 -10.92 -0.06
N LEU A 45 -20.13 -11.58 -1.15
CA LEU A 45 -21.05 -12.37 -2.00
C LEU A 45 -21.37 -13.74 -1.41
N ASN A 46 -20.34 -14.38 -0.86
CA ASN A 46 -20.47 -15.67 -0.17
C ASN A 46 -21.19 -15.63 1.16
N ASP A 47 -21.57 -14.43 1.61
CA ASP A 47 -22.17 -14.21 2.93
C ASP A 47 -21.24 -14.68 4.07
N ASP A 48 -19.94 -14.40 3.89
CA ASP A 48 -18.87 -14.75 4.84
C ASP A 48 -18.71 -13.59 5.83
N ILE A 49 -19.80 -13.32 6.53
CA ILE A 49 -19.92 -12.22 7.46
C ILE A 49 -20.04 -12.86 8.82
N HIS A 50 -19.20 -12.45 9.75
CA HIS A 50 -19.26 -12.95 11.14
C HIS A 50 -19.04 -11.86 12.19
N LYS A 51 -19.84 -11.95 13.24
CA LYS A 51 -19.81 -10.98 14.30
C LYS A 51 -18.50 -11.12 15.09
N LEU A 52 -17.94 -9.96 15.44
CA LEU A 52 -16.63 -9.86 16.07
C LEU A 52 -16.74 -9.29 17.48
N GLU A 53 -15.89 -9.80 18.35
CA GLU A 53 -15.79 -9.34 19.72
C GLU A 53 -14.42 -8.70 19.95
N LEU A 54 -14.27 -8.12 21.14
CA LEU A 54 -13.02 -7.51 21.54
C LEU A 54 -11.85 -8.46 21.45
N GLY A 55 -12.08 -9.72 21.81
CA GLY A 55 -11.07 -10.77 21.71
C GLY A 55 -10.73 -11.20 20.29
N SER A 56 -11.63 -10.97 19.34
CA SER A 56 -11.38 -11.33 17.94
C SER A 56 -10.13 -10.68 17.37
N VAL A 57 -9.76 -9.53 17.93
CA VAL A 57 -8.60 -8.76 17.47
C VAL A 57 -7.48 -8.60 18.50
N GLY A 58 -7.50 -9.39 19.57
CA GLY A 58 -6.34 -9.48 20.43
C GLY A 58 -5.15 -10.08 19.67
N ASP A 59 -3.93 -9.71 20.07
CA ASP A 59 -2.70 -10.25 19.48
C ASP A 59 -2.69 -10.13 17.94
N THR A 60 -3.15 -8.98 17.42
CA THR A 60 -3.15 -8.72 15.96
C THR A 60 -2.36 -7.49 15.54
N ILE A 61 -2.38 -6.42 16.34
CA ILE A 61 -1.70 -5.14 15.98
C ILE A 61 -0.34 -5.29 15.32
N GLN A 62 0.46 -6.26 15.77
CA GLN A 62 1.81 -6.53 15.23
C GLN A 62 1.86 -7.50 14.03
N ARG A 63 0.70 -8.05 13.67
CA ARG A 63 0.63 -9.13 12.70
C ARG A 63 0.65 -8.56 11.28
N GLY A 64 1.48 -9.13 10.42
CA GLY A 64 1.44 -8.85 8.98
C GLY A 64 0.17 -9.34 8.32
N GLY A 65 -0.07 -8.87 7.11
CA GLY A 65 -1.31 -9.18 6.41
C GLY A 65 -2.62 -8.76 7.11
N THR A 66 -3.63 -9.59 6.87
CA THR A 66 -4.99 -9.39 7.40
C THR A 66 -5.52 -10.76 7.83
N PHE A 67 -6.24 -10.80 8.96
CA PHE A 67 -6.75 -12.06 9.53
C PHE A 67 -8.17 -12.43 9.02
N LEU A 68 -8.91 -11.43 8.58
CA LEU A 68 -10.01 -11.61 7.62
C LEU A 68 -9.13 -11.69 6.43
N TYR A 69 -9.51 -12.34 5.37
CA TYR A 69 -8.57 -12.45 4.29
C TYR A 69 -8.87 -11.36 3.27
N SER A 70 -8.16 -11.45 2.15
CA SER A 70 -8.32 -10.58 1.01
C SER A 70 -8.56 -11.44 -0.23
N ALA A 71 -9.20 -10.83 -1.22
CA ALA A 71 -9.45 -11.50 -2.48
C ALA A 71 -9.41 -10.50 -3.61
N ARG A 72 -9.34 -11.08 -4.81
CA ARG A 72 -9.66 -10.40 -6.04
C ARG A 72 -11.06 -10.93 -6.32
N CYS A 73 -11.96 -10.00 -6.63
CA CYS A 73 -13.34 -10.28 -6.99
C CYS A 73 -13.63 -9.35 -8.19
N PRO A 74 -12.95 -9.60 -9.34
CA PRO A 74 -13.17 -8.82 -10.58
C PRO A 74 -14.65 -8.69 -11.00
N GLU A 75 -15.44 -9.71 -10.68
CA GLU A 75 -16.92 -9.65 -10.78
C GLU A 75 -17.62 -8.51 -10.01
N PHE A 76 -16.97 -7.92 -8.99
CA PHE A 76 -17.55 -6.77 -8.25
C PHE A 76 -17.70 -5.48 -9.05
N LYS A 77 -17.21 -5.48 -10.30
CA LYS A 77 -17.41 -4.38 -11.25
C LYS A 77 -18.80 -4.30 -11.89
N GLU A 78 -19.73 -5.13 -11.44
CA GLU A 78 -21.03 -5.27 -12.09
C GLU A 78 -22.14 -4.91 -11.14
N GLN A 79 -23.10 -4.12 -11.64
CA GLN A 79 -24.27 -3.74 -10.86
C GLN A 79 -24.93 -5.00 -10.27
N GLU A 80 -25.19 -5.95 -11.15
CA GLU A 80 -26.02 -7.11 -10.84
C GLU A 80 -25.43 -7.94 -9.73
N VAL A 81 -24.11 -8.15 -9.79
CA VAL A 81 -23.37 -8.90 -8.77
C VAL A 81 -23.40 -8.15 -7.45
N ARG A 82 -23.06 -6.86 -7.49
CA ARG A 82 -23.05 -6.02 -6.28
C ARG A 82 -24.41 -5.99 -5.56
N LYS A 83 -25.50 -6.16 -6.32
CA LYS A 83 -26.86 -6.34 -5.76
C LYS A 83 -26.91 -7.41 -4.66
N VAL A 84 -26.25 -8.54 -4.92
CA VAL A 84 -26.23 -9.70 -4.03
C VAL A 84 -25.40 -9.43 -2.77
N ALA A 85 -24.32 -8.64 -2.91
CA ALA A 85 -23.52 -8.16 -1.77
C ALA A 85 -24.21 -7.14 -0.85
N ILE A 86 -25.04 -6.28 -1.41
CA ILE A 86 -25.81 -5.28 -0.63
C ILE A 86 -26.94 -5.94 0.14
N GLU A 87 -27.58 -6.93 -0.48
CA GLU A 87 -28.62 -7.68 0.21
C GLU A 87 -28.05 -8.38 1.44
N ASN A 88 -26.87 -8.99 1.28
CA ASN A 88 -26.24 -9.73 2.36
C ASN A 88 -25.98 -8.85 3.57
N LEU A 89 -25.57 -7.61 3.30
CA LEU A 89 -25.45 -6.59 4.34
C LEU A 89 -26.85 -6.04 4.74
N ARG A 90 -27.71 -5.79 3.75
CA ARG A 90 -29.06 -5.23 3.94
C ARG A 90 -29.87 -6.11 4.90
N LYS A 91 -30.00 -7.38 4.55
CA LYS A 91 -30.69 -8.35 5.37
C LYS A 91 -30.24 -8.42 6.82
N ARG A 92 -28.97 -8.12 7.07
CA ARG A 92 -28.38 -8.18 8.41
C ARG A 92 -28.43 -6.88 9.25
N GLY A 93 -29.14 -5.86 8.75
CA GLY A 93 -29.25 -4.58 9.47
C GLY A 93 -27.95 -3.78 9.60
N ILE A 94 -27.00 -4.04 8.70
CA ILE A 94 -25.71 -3.34 8.68
C ILE A 94 -25.89 -1.99 7.97
N GLU A 95 -25.61 -0.91 8.69
CA GLU A 95 -25.81 0.46 8.20
C GLU A 95 -24.53 1.13 7.70
N GLY A 96 -23.39 0.69 8.23
CA GLY A 96 -22.11 1.19 7.79
C GLY A 96 -21.22 0.05 7.32
N LEU A 97 -20.43 0.31 6.26
CA LEU A 97 -19.39 -0.62 5.82
C LEU A 97 -18.01 0.04 5.71
N VAL A 98 -16.99 -0.55 6.36
CA VAL A 98 -15.62 -0.02 6.28
C VAL A 98 -14.70 -0.88 5.41
N VAL A 99 -14.07 -0.21 4.46
CA VAL A 99 -13.23 -0.88 3.45
C VAL A 99 -11.80 -0.45 3.59
N ILE A 100 -10.93 -1.43 3.73
CA ILE A 100 -9.50 -1.21 3.93
C ILE A 100 -8.81 -1.82 2.72
N GLY A 101 -8.25 -0.98 1.87
CA GLY A 101 -7.66 -1.42 0.63
C GLY A 101 -7.03 -0.30 -0.14
N GLY A 102 -6.83 -0.51 -1.42
CA GLY A 102 -6.29 0.50 -2.29
C GLY A 102 -7.42 1.23 -3.01
N ASP A 103 -7.02 2.06 -3.96
CA ASP A 103 -7.96 2.85 -4.79
C ASP A 103 -8.93 2.00 -5.62
N GLY A 104 -8.55 0.77 -5.99
CA GLY A 104 -9.49 -0.19 -6.59
C GLY A 104 -10.63 -0.56 -5.63
N SER A 105 -10.25 -1.01 -4.44
CA SER A 105 -11.20 -1.38 -3.38
C SER A 105 -12.11 -0.23 -2.94
N TYR A 106 -11.60 0.99 -3.02
CA TYR A 106 -12.38 2.21 -2.78
C TYR A 106 -13.51 2.34 -3.79
N ARG A 107 -13.18 2.11 -5.06
CA ARG A 107 -14.20 2.21 -6.11
C ARG A 107 -15.40 1.34 -5.83
N GLY A 108 -15.14 0.10 -5.41
CA GLY A 108 -16.17 -0.80 -4.92
C GLY A 108 -17.01 -0.21 -3.81
N ALA A 109 -16.36 0.50 -2.89
CA ALA A 109 -17.01 1.15 -1.73
C ALA A 109 -17.83 2.37 -2.13
N GLN A 110 -17.31 3.13 -3.09
CA GLN A 110 -18.04 4.24 -3.72
C GLN A 110 -19.33 3.76 -4.39
N ARG A 111 -19.27 2.66 -5.12
CA ARG A 111 -20.45 2.06 -5.75
C ARG A 111 -21.56 1.77 -4.77
N ILE A 112 -21.19 1.11 -3.67
CA ILE A 112 -22.16 0.69 -2.68
C ILE A 112 -22.88 1.90 -2.05
N SER A 113 -22.22 3.05 -1.96
CA SER A 113 -22.89 4.25 -1.47
C SER A 113 -23.87 4.76 -2.50
N GLU A 114 -23.41 4.78 -3.75
CA GLU A 114 -24.23 5.15 -4.92
C GLU A 114 -25.44 4.24 -5.16
N GLU A 115 -25.30 2.97 -4.83
CA GLU A 115 -26.34 1.98 -5.09
C GLU A 115 -27.11 1.55 -3.87
N CYS A 116 -26.77 2.13 -2.71
CA CYS A 116 -27.46 1.89 -1.44
C CYS A 116 -27.31 3.12 -0.52
N LYS A 117 -28.40 3.87 -0.38
CA LYS A 117 -28.44 5.03 0.50
C LYS A 117 -28.41 4.58 1.96
N GLU A 118 -28.79 3.31 2.18
CA GLU A 118 -28.88 2.74 3.52
C GLU A 118 -27.55 2.38 4.19
N ILE A 119 -26.50 2.23 3.40
CA ILE A 119 -25.19 1.85 3.93
C ILE A 119 -24.23 3.01 3.73
N GLN A 120 -23.72 3.53 4.83
CA GLN A 120 -22.62 4.48 4.79
C GLN A 120 -21.33 3.71 4.46
N THR A 121 -20.50 4.27 3.59
CA THR A 121 -19.21 3.68 3.23
C THR A 121 -18.02 4.62 3.45
N ILE A 122 -17.02 4.09 4.17
CA ILE A 122 -15.73 4.76 4.38
C ILE A 122 -14.59 3.87 3.89
N GLY A 123 -13.53 4.51 3.38
CA GLY A 123 -12.34 3.85 2.91
C GLY A 123 -11.12 4.19 3.74
N ILE A 124 -10.32 3.18 4.05
CA ILE A 124 -9.07 3.33 4.78
C ILE A 124 -7.98 2.85 3.83
N PRO A 125 -6.89 3.65 3.63
CA PRO A 125 -5.87 3.38 2.65
C PRO A 125 -4.81 2.37 3.08
N GLY A 126 -5.22 1.12 3.11
CA GLY A 126 -4.30 0.00 3.28
C GLY A 126 -3.72 -0.41 1.95
N THR A 127 -2.56 0.14 1.66
CA THR A 127 -1.78 -0.24 0.47
C THR A 127 -0.35 0.29 0.59
N ILE A 128 0.53 -0.35 -0.18
CA ILE A 128 1.96 -0.05 -0.19
C ILE A 128 2.27 1.13 -1.11
N ASP A 129 1.38 1.38 -2.07
CA ASP A 129 1.62 2.27 -3.22
C ASP A 129 2.05 3.68 -2.92
N ASN A 130 1.41 4.27 -1.92
CA ASN A 130 1.37 5.73 -1.75
C ASN A 130 0.69 6.43 -2.95
N ASP A 131 -0.21 5.68 -3.58
CA ASP A 131 -0.81 6.05 -4.85
C ASP A 131 -2.12 6.78 -4.58
N ILE A 132 -2.57 6.79 -3.32
CA ILE A 132 -3.94 7.24 -2.99
C ILE A 132 -3.99 8.73 -2.63
N ASN A 133 -5.04 9.34 -3.16
CA ASN A 133 -5.27 10.76 -3.06
C ASN A 133 -5.78 11.18 -1.70
N GLY A 134 -5.48 12.41 -1.30
CA GLY A 134 -5.94 12.95 -0.02
C GLY A 134 -5.22 12.41 1.21
N THR A 135 -4.19 11.59 0.99
CA THR A 135 -3.32 11.12 2.04
C THR A 135 -1.88 11.24 1.52
N ASP A 136 -1.00 11.76 2.37
CA ASP A 136 0.40 11.91 2.05
C ASP A 136 1.09 10.57 2.02
N PHE A 137 0.77 9.73 3.00
CA PHE A 137 1.22 8.34 3.05
C PHE A 137 0.05 7.38 3.28
N THR A 138 0.14 6.19 2.69
CA THR A 138 -0.79 5.07 2.94
C THR A 138 -0.26 4.12 4.02
N ILE A 139 -1.14 3.28 4.56
CA ILE A 139 -0.78 2.31 5.61
C ILE A 139 -0.14 1.17 4.89
N GLY A 140 1.16 0.99 5.11
CA GLY A 140 1.96 -0.06 4.45
C GLY A 140 3.27 0.49 3.91
N PHE A 141 3.26 1.78 3.60
CA PHE A 141 4.36 2.41 2.88
C PHE A 141 5.64 2.43 3.70
N ASP A 142 5.54 2.96 4.92
CA ASP A 142 6.71 3.01 5.82
C ASP A 142 7.31 1.63 6.10
N THR A 143 6.46 0.63 6.29
CA THR A 143 6.90 -0.73 6.52
C THR A 143 7.63 -1.28 5.30
N ALA A 144 6.99 -1.26 4.13
CA ALA A 144 7.64 -1.64 2.87
C ALA A 144 9.01 -1.00 2.70
N LEU A 145 9.09 0.30 2.93
CA LEU A 145 10.34 1.04 2.73
C LEU A 145 11.50 0.40 3.49
N ASN A 146 11.27 0.11 4.76
CA ASN A 146 12.26 -0.60 5.59
C ASN A 146 12.51 -2.05 5.16
N THR A 147 11.47 -2.78 4.83
CA THR A 147 11.66 -4.09 4.19
C THR A 147 12.67 -4.04 3.00
N ILE A 148 12.56 -3.00 2.17
CA ILE A 148 13.51 -2.80 1.06
C ILE A 148 14.90 -2.47 1.60
N ILE A 149 15.00 -1.49 2.50
CA ILE A 149 16.28 -1.22 3.20
C ILE A 149 16.93 -2.54 3.62
N GLY A 150 16.18 -3.36 4.34
CA GLY A 150 16.69 -4.58 4.98
C GLY A 150 17.15 -5.61 3.96
N LEU A 151 16.26 -5.93 3.04
CA LEU A 151 16.61 -6.91 2.02
C LEU A 151 17.81 -6.46 1.13
N VAL A 152 17.93 -5.16 0.90
CA VAL A 152 19.07 -4.61 0.17
C VAL A 152 20.34 -4.81 0.98
N ASP A 153 20.27 -4.48 2.27
CA ASP A 153 21.40 -4.66 3.20
C ASP A 153 21.86 -6.12 3.24
N LYS A 154 20.92 -7.04 3.02
CA LYS A 154 21.20 -8.46 3.02
C LYS A 154 21.81 -8.96 1.72
N ILE A 155 21.32 -8.48 0.58
CA ILE A 155 21.96 -8.73 -0.73
C ILE A 155 23.41 -8.26 -0.68
N ARG A 156 23.66 -7.11 -0.08
CA ARG A 156 25.01 -6.58 0.08
C ARG A 156 25.89 -7.60 0.83
N ASP A 157 25.38 -8.02 1.98
CA ASP A 157 26.15 -8.84 2.91
C ASP A 157 26.32 -10.28 2.44
N THR A 158 25.32 -10.82 1.76
CA THR A 158 25.41 -12.17 1.23
C THR A 158 26.09 -12.23 -0.15
N ALA A 159 26.66 -11.13 -0.64
CA ALA A 159 27.21 -11.07 -2.01
C ALA A 159 28.71 -11.35 -2.08
N SER A 160 29.14 -11.84 -3.25
CA SER A 160 30.56 -11.83 -3.62
C SER A 160 31.03 -10.41 -3.62
N SER A 161 32.34 -10.22 -3.46
CA SER A 161 32.91 -8.88 -3.56
C SER A 161 33.18 -8.51 -5.03
N HIS A 162 33.35 -9.49 -5.91
CA HIS A 162 33.44 -9.25 -7.36
C HIS A 162 32.25 -8.46 -7.95
N ALA A 163 31.10 -8.52 -7.30
CA ALA A 163 29.90 -7.80 -7.75
C ALA A 163 29.97 -6.25 -7.60
N ARG A 164 30.09 -5.55 -8.72
CA ARG A 164 30.09 -4.10 -8.73
C ARG A 164 28.70 -3.44 -8.70
N THR A 165 27.63 -4.18 -9.02
CA THR A 165 26.32 -3.58 -9.34
C THR A 165 25.10 -4.37 -8.82
N PHE A 166 24.08 -3.64 -8.35
CA PHE A 166 22.89 -4.23 -7.71
C PHE A 166 21.65 -3.60 -8.30
N ILE A 167 21.07 -4.27 -9.30
CA ILE A 167 19.92 -3.73 -10.02
C ILE A 167 18.73 -4.28 -9.27
N ILE A 168 18.09 -3.42 -8.49
CA ILE A 168 17.06 -3.84 -7.54
C ILE A 168 15.64 -3.34 -7.85
N GLU A 169 14.72 -4.28 -8.04
CA GLU A 169 13.33 -3.98 -8.42
C GLU A 169 12.45 -3.77 -7.20
N ALA A 170 11.97 -2.55 -6.99
CA ALA A 170 11.05 -2.24 -5.91
C ALA A 170 9.59 -2.06 -6.38
N MET A 171 8.66 -2.54 -5.55
CA MET A 171 7.20 -2.51 -5.79
C MET A 171 6.50 -1.22 -5.45
N GLY A 172 5.74 -0.74 -6.40
CA GLY A 172 4.80 0.35 -6.21
C GLY A 172 3.99 -0.17 -7.35
N ARG A 173 3.19 0.65 -7.97
CA ARG A 173 2.43 0.14 -9.07
C ARG A 173 2.65 1.11 -10.20
N ASP A 174 2.14 2.32 -10.03
CA ASP A 174 2.38 3.41 -10.95
C ASP A 174 3.02 4.61 -10.22
N CYS A 175 3.60 4.38 -9.05
CA CYS A 175 4.09 5.46 -8.20
C CYS A 175 5.51 5.15 -7.72
N GLY A 176 6.41 6.07 -8.02
CA GLY A 176 7.84 5.91 -7.77
C GLY A 176 8.33 6.37 -6.40
N ASP A 177 7.41 6.70 -5.50
CA ASP A 177 7.74 7.11 -4.12
C ASP A 177 8.56 6.09 -3.35
N LEU A 178 8.12 4.83 -3.37
CA LEU A 178 8.86 3.76 -2.67
C LEU A 178 10.32 3.70 -3.09
N ALA A 179 10.53 3.61 -4.41
CA ALA A 179 11.87 3.54 -4.99
C ALA A 179 12.71 4.81 -4.74
N LEU A 180 12.07 5.96 -4.73
CA LEU A 180 12.75 7.20 -4.37
C LEU A 180 13.15 7.22 -2.89
N TRP A 181 12.20 6.94 -2.01
CA TRP A 181 12.49 6.85 -0.57
C TRP A 181 13.46 5.73 -0.21
N ALA A 182 13.30 4.58 -0.85
CA ALA A 182 14.20 3.43 -0.61
C ALA A 182 15.56 3.72 -1.20
N GLY A 183 15.57 4.16 -2.46
CA GLY A 183 16.80 4.62 -3.14
C GLY A 183 17.64 5.59 -2.32
N LEU A 184 16.98 6.59 -1.76
CA LEU A 184 17.62 7.57 -0.89
C LEU A 184 18.23 6.95 0.36
N SER A 185 17.48 6.04 0.99
CA SER A 185 17.84 5.40 2.28
C SER A 185 18.98 4.37 2.26
N VAL A 186 19.14 3.71 1.11
CA VAL A 186 20.28 2.80 0.86
C VAL A 186 21.35 3.49 0.02
N GLY A 187 21.16 4.78 -0.26
CA GLY A 187 22.16 5.62 -0.93
C GLY A 187 22.48 5.06 -2.30
N ALA A 188 21.46 5.05 -3.13
CA ALA A 188 21.54 4.45 -4.45
C ALA A 188 22.00 5.51 -5.46
N GLU A 189 22.89 5.11 -6.38
CA GLU A 189 23.47 6.03 -7.37
C GLU A 189 22.53 6.40 -8.52
N THR A 190 21.67 5.45 -8.89
CA THR A 190 20.57 5.69 -9.83
C THR A 190 19.25 5.21 -9.20
N ILE A 191 18.18 5.92 -9.54
CA ILE A 191 16.81 5.62 -9.12
C ILE A 191 15.90 5.80 -10.35
N VAL A 192 15.21 4.73 -10.73
CA VAL A 192 14.43 4.70 -11.96
C VAL A 192 12.96 4.65 -11.59
N VAL A 193 12.26 5.70 -11.99
CA VAL A 193 10.87 5.90 -11.59
C VAL A 193 10.04 6.41 -12.76
N PRO A 194 8.78 5.97 -12.85
CA PRO A 194 7.92 6.33 -13.97
C PRO A 194 7.72 7.83 -14.22
N GLU A 195 7.94 8.66 -13.21
CA GLU A 195 7.70 10.09 -13.29
C GLU A 195 8.83 10.88 -13.95
N VAL A 196 10.06 10.38 -13.94
CA VAL A 196 11.23 11.07 -14.53
C VAL A 196 11.73 10.34 -15.79
N LYS A 197 12.07 11.10 -16.84
CA LYS A 197 12.45 10.56 -18.17
C LYS A 197 13.78 9.81 -18.03
N THR A 198 13.74 8.50 -18.25
CA THR A 198 14.86 7.66 -17.84
C THR A 198 15.91 7.58 -18.94
N ASP A 199 17.13 8.05 -18.62
CA ASP A 199 18.27 8.02 -19.53
C ASP A 199 19.21 6.86 -19.14
N ILE A 200 19.06 5.75 -19.86
CA ILE A 200 19.89 4.56 -19.62
C ILE A 200 21.37 4.81 -19.96
N LYS A 201 21.62 5.51 -21.07
CA LYS A 201 22.97 5.98 -21.44
C LYS A 201 23.60 6.68 -20.25
N GLU A 202 22.88 7.64 -19.68
CA GLU A 202 23.35 8.45 -18.56
C GLU A 202 23.65 7.58 -17.32
N ILE A 203 22.81 6.57 -17.08
CA ILE A 203 22.96 5.65 -15.95
C ILE A 203 24.17 4.74 -16.10
N ALA A 204 24.40 4.25 -17.32
CA ALA A 204 25.58 3.42 -17.62
C ALA A 204 26.83 4.29 -17.67
N ASP A 205 26.73 5.44 -18.36
CA ASP A 205 27.69 6.55 -18.26
C ASP A 205 28.18 6.69 -16.78
N LYS A 206 27.25 6.65 -15.83
CA LYS A 206 27.54 6.85 -14.40
C LYS A 206 28.22 5.67 -13.70
N ILE A 207 27.68 4.48 -13.90
CA ILE A 207 28.29 3.22 -13.41
C ILE A 207 29.72 3.01 -13.91
N GLU A 208 29.91 3.02 -15.22
CA GLU A 208 31.25 3.06 -15.81
C GLU A 208 32.10 4.21 -15.24
N GLN A 209 31.51 5.40 -15.16
CA GLN A 209 32.20 6.61 -14.66
C GLN A 209 32.66 6.68 -13.19
N GLY A 210 32.09 5.85 -12.31
CA GLY A 210 32.42 5.89 -10.86
C GLY A 210 32.80 4.59 -10.16
N ILE A 211 32.57 3.47 -10.83
CA ILE A 211 32.88 2.12 -10.34
C ILE A 211 33.96 1.98 -11.49
N LYS A 212 35.04 1.14 -11.28
CA LYS A 212 36.16 1.46 -12.19
C LYS A 212 36.82 2.84 -11.97
N ARG A 213 36.31 3.54 -10.96
CA ARG A 213 37.00 4.60 -10.29
C ARG A 213 37.15 4.20 -8.82
N GLY A 214 36.94 2.91 -8.52
CA GLY A 214 37.00 2.45 -7.14
C GLY A 214 35.75 2.70 -6.31
N LYS A 215 34.65 2.06 -6.69
CA LYS A 215 33.44 2.05 -5.89
C LYS A 215 33.24 0.56 -5.73
N LYS A 216 32.87 0.12 -4.53
CA LYS A 216 32.62 -1.31 -4.35
C LYS A 216 31.51 -1.79 -5.29
N HIS A 217 30.30 -1.36 -4.98
CA HIS A 217 29.07 -1.64 -5.72
C HIS A 217 28.15 -0.42 -5.81
N SER A 218 27.59 -0.20 -7.01
CA SER A 218 26.64 0.87 -7.24
C SER A 218 25.37 0.11 -7.02
N ILE A 219 24.34 0.75 -6.53
CA ILE A 219 23.04 0.10 -6.61
C ILE A 219 22.05 0.97 -7.41
N VAL A 220 21.30 0.30 -8.26
CA VAL A 220 20.24 0.92 -9.06
C VAL A 220 18.92 0.39 -8.53
N LEU A 221 18.10 1.29 -8.06
CA LEU A 221 16.76 1.01 -7.62
C LEU A 221 15.74 1.32 -8.65
N VAL A 222 14.86 0.38 -8.87
CA VAL A 222 13.99 0.42 -10.06
C VAL A 222 12.55 0.26 -9.64
N ALA A 223 11.69 1.12 -10.16
CA ALA A 223 10.27 1.07 -9.85
C ALA A 223 9.64 0.16 -10.86
N GLU A 224 8.81 -0.77 -10.39
CA GLU A 224 8.20 -1.76 -11.26
C GLU A 224 7.31 -1.15 -12.33
N GLY A 225 6.66 -0.05 -11.99
CA GLY A 225 5.91 0.77 -12.94
C GLY A 225 6.75 1.17 -14.14
N CYS A 226 7.96 1.64 -13.89
CA CYS A 226 8.87 2.06 -14.93
C CYS A 226 9.33 0.88 -15.80
N MET A 227 9.90 -0.16 -15.19
CA MET A 227 10.37 -1.35 -15.93
C MET A 227 10.80 -2.46 -14.97
N THR A 228 11.06 -3.63 -15.53
CA THR A 228 11.52 -4.80 -14.77
C THR A 228 12.99 -4.62 -14.41
N ALA A 229 13.47 -5.38 -13.43
CA ALA A 229 14.90 -5.33 -13.11
C ALA A 229 15.74 -5.93 -14.25
N GLN A 230 15.26 -7.04 -14.81
CA GLN A 230 15.91 -7.66 -15.94
C GLN A 230 15.92 -6.75 -17.18
N ASP A 231 14.82 -6.04 -17.41
CA ASP A 231 14.75 -5.04 -18.48
C ASP A 231 15.85 -4.01 -18.32
N CYS A 232 16.01 -3.51 -17.09
CA CYS A 232 17.04 -2.53 -16.78
C CYS A 232 18.46 -3.09 -16.97
N GLN A 233 18.66 -4.37 -16.61
CA GLN A 233 19.91 -5.07 -16.85
C GLN A 233 20.16 -5.30 -18.35
N LYS A 234 19.11 -5.67 -19.08
CA LYS A 234 19.17 -5.78 -20.54
C LYS A 234 19.58 -4.42 -21.14
N GLU A 235 18.74 -3.41 -20.92
CA GLU A 235 18.95 -2.06 -21.48
C GLU A 235 20.28 -1.43 -21.14
N LEU A 236 20.86 -1.85 -20.02
CA LEU A 236 22.19 -1.39 -19.58
C LEU A 236 23.35 -2.15 -20.20
N SER A 237 23.11 -3.41 -20.53
CA SER A 237 24.05 -4.17 -21.35
C SER A 237 24.14 -3.63 -22.80
N GLN A 238 23.28 -2.72 -23.20
CA GLN A 238 23.36 -2.04 -24.49
C GLN A 238 24.43 -0.97 -24.60
N TYR A 239 25.08 -0.64 -23.48
CA TYR A 239 26.17 0.38 -23.45
C TYR A 239 27.49 -0.08 -22.83
N ILE A 240 27.41 -1.13 -22.02
CA ILE A 240 28.33 -1.34 -20.93
C ILE A 240 28.22 -2.78 -20.47
N ASN A 241 29.33 -3.29 -19.93
CA ASN A 241 29.41 -4.68 -19.52
C ASN A 241 29.13 -4.86 -18.04
N VAL A 242 27.91 -5.29 -17.72
CA VAL A 242 27.43 -5.45 -16.35
C VAL A 242 26.34 -6.52 -16.34
N ASP A 243 26.46 -7.55 -15.54
CA ASP A 243 25.24 -8.28 -15.20
C ASP A 243 25.41 -8.84 -13.81
N ASN A 244 25.19 -8.07 -12.74
CA ASN A 244 25.90 -8.61 -11.58
C ASN A 244 24.96 -9.15 -10.50
N ARG A 245 23.78 -8.55 -10.34
CA ARG A 245 22.86 -8.96 -9.26
C ARG A 245 21.42 -8.44 -9.41
N VAL A 246 20.70 -8.97 -10.41
CA VAL A 246 19.30 -8.60 -10.69
C VAL A 246 18.38 -9.27 -9.69
N SER A 247 18.20 -8.60 -8.55
CA SER A 247 17.36 -9.07 -7.46
C SER A 247 15.93 -8.50 -7.47
N VAL A 248 14.96 -9.38 -7.74
CA VAL A 248 13.55 -9.01 -7.94
C VAL A 248 12.73 -9.15 -6.65
N LEU A 249 12.83 -8.12 -5.80
CA LEU A 249 12.36 -8.16 -4.39
C LEU A 249 11.00 -8.84 -4.19
N GLY A 250 10.02 -8.38 -4.96
CA GLY A 250 8.68 -8.95 -4.97
C GLY A 250 7.91 -8.97 -3.65
N HIS A 251 6.92 -9.87 -3.59
CA HIS A 251 5.90 -10.00 -2.52
C HIS A 251 6.32 -10.03 -1.02
N VAL A 252 7.61 -10.23 -0.75
CA VAL A 252 8.15 -10.08 0.60
C VAL A 252 7.88 -8.66 1.11
N GLN A 253 7.88 -7.69 0.19
CA GLN A 253 7.60 -6.27 0.51
C GLN A 253 6.20 -6.02 1.12
N ARG A 254 5.31 -6.96 0.89
CA ARG A 254 3.94 -6.93 1.38
C ARG A 254 3.82 -7.52 2.78
N GLY A 255 4.80 -8.33 3.16
CA GLY A 255 4.71 -9.07 4.41
C GLY A 255 5.37 -8.35 5.57
N GLY A 256 5.46 -9.07 6.66
CA GLY A 256 6.26 -8.64 7.79
C GLY A 256 5.42 -7.81 8.72
N SER A 257 5.93 -7.67 9.93
CA SER A 257 5.28 -6.94 10.95
C SER A 257 5.24 -5.47 10.56
N PRO A 258 4.07 -4.82 10.73
CA PRO A 258 4.10 -3.40 10.51
C PRO A 258 5.07 -2.69 11.44
N THR A 259 5.77 -1.69 10.94
CA THR A 259 6.53 -0.75 11.76
C THR A 259 5.61 0.14 12.60
N GLY A 260 6.21 0.90 13.50
CA GLY A 260 5.50 1.84 14.36
C GLY A 260 4.58 2.81 13.65
N ALA A 261 5.10 3.50 12.65
CA ALA A 261 4.32 4.42 11.84
C ALA A 261 3.03 3.81 11.32
N ASP A 262 3.09 2.62 10.77
CA ASP A 262 1.88 2.03 10.21
C ASP A 262 0.86 1.59 11.24
N ARG A 263 1.32 1.19 12.42
CA ARG A 263 0.40 0.75 13.48
C ARG A 263 -0.37 1.94 14.04
N VAL A 264 0.39 2.99 14.30
CA VAL A 264 -0.18 4.22 14.77
C VAL A 264 -1.07 4.79 13.72
N LEU A 265 -0.54 5.00 12.52
CA LEU A 265 -1.34 5.57 11.43
C LEU A 265 -2.58 4.76 11.15
N ALA A 266 -2.45 3.44 11.10
CA ALA A 266 -3.61 2.53 10.95
C ALA A 266 -4.62 2.73 12.05
N SER A 267 -4.16 2.86 13.28
CA SER A 267 -5.06 2.94 14.43
C SER A 267 -5.90 4.22 14.42
N ARG A 268 -5.23 5.34 14.11
CA ARG A 268 -5.86 6.65 14.01
C ARG A 268 -6.94 6.68 12.96
N LEU A 269 -6.66 6.11 11.80
CA LEU A 269 -7.62 6.04 10.69
C LEU A 269 -8.76 5.04 10.92
N GLY A 270 -8.42 3.93 11.56
CA GLY A 270 -9.40 2.94 12.02
C GLY A 270 -10.41 3.51 12.98
N GLY A 271 -9.90 4.29 13.93
CA GLY A 271 -10.76 5.06 14.82
C GLY A 271 -11.59 6.08 14.08
N TYR A 272 -10.92 7.01 13.39
CA TYR A 272 -11.55 8.07 12.61
C TYR A 272 -12.65 7.57 11.71
N ALA A 273 -12.45 6.42 11.10
CA ALA A 273 -13.44 5.85 10.22
C ALA A 273 -14.72 5.59 11.01
N VAL A 274 -14.56 5.04 12.20
CA VAL A 274 -15.70 4.79 13.07
C VAL A 274 -16.40 6.09 13.52
N ASP A 275 -15.62 7.10 13.89
CA ASP A 275 -16.18 8.42 14.23
C ASP A 275 -17.04 8.99 13.10
N LEU A 276 -16.51 8.94 11.88
CA LEU A 276 -17.22 9.48 10.72
C LEU A 276 -18.51 8.75 10.35
N LEU A 277 -18.51 7.42 10.54
CA LEU A 277 -19.74 6.64 10.40
C LEU A 277 -20.80 7.05 11.43
N MET A 278 -20.40 7.38 12.66
CA MET A 278 -21.34 7.86 13.69
C MET A 278 -21.81 9.28 13.41
N GLN A 279 -20.89 10.12 12.94
CA GLN A 279 -21.24 11.44 12.43
C GLN A 279 -22.19 11.45 11.22
N GLY A 280 -22.40 10.29 10.59
CA GLY A 280 -23.37 10.16 9.50
C GLY A 280 -22.81 10.47 8.13
N GLU A 281 -21.49 10.61 8.02
CA GLU A 281 -20.82 10.88 6.76
C GLU A 281 -20.59 9.62 5.94
N THR A 282 -20.31 9.81 4.65
CA THR A 282 -20.26 8.68 3.71
C THR A 282 -19.51 8.94 2.42
N ALA A 283 -19.14 7.85 1.78
CA ALA A 283 -18.42 7.88 0.50
C ALA A 283 -17.14 8.70 0.60
N LYS A 284 -16.38 8.48 1.67
CA LYS A 284 -15.12 9.18 1.86
C LYS A 284 -13.99 8.24 2.11
N GLY A 285 -12.81 8.61 1.64
CA GLY A 285 -11.57 8.01 2.11
C GLY A 285 -10.98 8.84 3.24
N VAL A 286 -10.53 8.19 4.29
CA VAL A 286 -9.79 8.88 5.35
C VAL A 286 -8.28 8.83 5.14
N GLY A 287 -7.57 9.78 5.75
CA GLY A 287 -6.12 9.85 5.57
C GLY A 287 -5.46 10.87 6.46
N ILE A 288 -4.18 11.12 6.19
CA ILE A 288 -3.38 12.16 6.87
C ILE A 288 -2.75 13.11 5.82
N LYS A 289 -3.20 14.36 5.83
CA LYS A 289 -2.86 15.39 4.85
C LYS A 289 -2.22 16.51 5.65
N ASN A 290 -0.97 16.82 5.35
CA ASN A 290 -0.22 17.87 6.05
C ASN A 290 -0.29 17.73 7.58
N ASN A 291 0.05 16.53 8.04
CA ASN A 291 0.01 16.14 9.44
C ASN A 291 -1.32 16.47 10.13
N LYS A 292 -2.40 16.14 9.44
CA LYS A 292 -3.76 16.39 9.88
C LYS A 292 -4.63 15.27 9.38
N ILE A 293 -5.41 14.65 10.27
CA ILE A 293 -6.34 13.61 9.86
C ILE A 293 -7.49 14.24 9.09
N VAL A 294 -7.82 13.67 7.93
CA VAL A 294 -8.81 14.25 7.03
C VAL A 294 -9.61 13.17 6.33
N ALA A 295 -10.71 13.62 5.74
CA ALA A 295 -11.59 12.82 4.93
C ALA A 295 -11.74 13.52 3.61
N THR A 296 -11.77 12.75 2.54
CA THR A 296 -11.86 13.24 1.19
C THR A 296 -12.88 12.36 0.49
N SER A 297 -13.76 13.00 -0.26
CA SER A 297 -14.80 12.28 -0.99
C SER A 297 -14.20 11.35 -2.02
N PHE A 298 -14.88 10.23 -2.28
CA PHE A 298 -14.46 9.36 -3.36
C PHE A 298 -14.51 10.10 -4.71
N ASP A 299 -15.36 11.13 -4.79
CA ASP A 299 -15.36 12.05 -5.92
C ASP A 299 -13.99 12.68 -6.12
N GLU A 300 -13.49 13.39 -5.12
CA GLU A 300 -12.25 14.16 -5.27
C GLU A 300 -11.03 13.24 -5.47
N ILE A 301 -11.06 12.10 -4.78
CA ILE A 301 -10.04 11.06 -4.85
C ILE A 301 -9.78 10.57 -6.27
N PHE A 302 -10.86 10.33 -7.03
CA PHE A 302 -10.76 9.83 -8.42
C PHE A 302 -10.82 10.91 -9.51
N ASP A 303 -10.89 12.19 -9.13
CA ASP A 303 -10.67 13.31 -10.05
C ASP A 303 -9.35 14.00 -9.71
N LYS A 308 1.47 14.16 -6.76
CA LYS A 308 2.25 13.73 -5.60
C LYS A 308 3.79 13.86 -5.70
N PHE A 309 4.35 13.62 -6.90
CA PHE A 309 5.80 13.33 -7.05
C PHE A 309 6.74 14.52 -6.75
N ASP A 310 7.54 14.32 -5.72
CA ASP A 310 8.49 15.30 -5.26
C ASP A 310 9.79 15.12 -6.06
N TYR A 311 9.85 15.84 -7.19
CA TYR A 311 11.08 15.97 -7.99
C TYR A 311 12.24 16.63 -7.25
N SER A 312 11.93 17.41 -6.22
CA SER A 312 12.96 17.97 -5.32
C SER A 312 13.69 16.84 -4.60
N LEU A 313 12.92 15.92 -4.05
CA LEU A 313 13.49 14.85 -3.24
C LEU A 313 14.35 13.91 -4.13
N TYR A 314 13.90 13.73 -5.36
CA TYR A 314 14.63 12.98 -6.36
C TYR A 314 15.95 13.59 -6.78
N GLU A 315 15.93 14.88 -7.00
CA GLU A 315 17.13 15.69 -7.28
C GLU A 315 18.15 15.57 -6.15
N LEU A 316 17.67 15.60 -4.90
CA LEU A 316 18.52 15.48 -3.72
C LEU A 316 19.20 14.10 -3.67
N ALA A 317 18.41 13.05 -3.87
CA ALA A 317 18.96 11.70 -4.02
C ALA A 317 20.16 11.64 -4.96
N ASN A 318 20.05 12.34 -6.09
CA ASN A 318 21.15 12.42 -7.06
C ASN A 318 22.30 13.34 -6.66
N LYS A 319 22.02 14.46 -5.98
CA LYS A 319 23.09 15.26 -5.35
C LYS A 319 23.94 14.40 -4.39
N LEU A 320 23.25 13.56 -3.61
CA LEU A 320 23.90 12.78 -2.56
C LEU A 320 24.68 11.59 -3.08
N SER A 321 24.52 11.25 -4.35
CA SER A 321 25.23 10.11 -4.96
C SER A 321 26.47 10.51 -5.78
N ILE A 322 26.38 11.61 -6.53
CA ILE A 322 27.53 12.13 -7.28
C ILE A 322 27.12 13.25 -8.24
C1 GOL B . -4.60 -7.74 24.21
O1 GOL B . -5.40 -8.89 23.86
C2 GOL B . -3.93 -7.21 22.94
O2 GOL B . -3.89 -5.78 22.94
C3 GOL B . -2.54 -7.82 22.78
O3 GOL B . -1.53 -7.30 23.66
PG ANP C . -3.36 -2.66 -4.57
O1G ANP C . -3.52 -3.82 -5.53
O2G ANP C . -3.33 -1.29 -5.23
O3G ANP C . -2.35 -2.86 -3.46
PB ANP C . -6.30 -2.15 -4.55
O1B ANP C . -6.02 -1.11 -5.62
O2B ANP C . -7.34 -1.85 -3.51
N3B ANP C . -4.88 -2.66 -3.73
PA ANP C . -7.18 -4.00 -6.60
O1A ANP C . -6.10 -5.08 -6.74
O2A ANP C . -7.39 -2.84 -7.54
O3A ANP C . -7.00 -3.47 -5.09
O5' ANP C . -8.52 -4.84 -6.39
C5' ANP C . -9.47 -4.44 -5.42
C4' ANP C . -10.75 -5.22 -5.60
O4' ANP C . -11.81 -4.26 -5.51
C3' ANP C . -10.95 -5.96 -6.93
O3' ANP C . -10.59 -7.32 -6.87
C2' ANP C . -12.43 -5.84 -7.09
O2' ANP C . -13.02 -6.86 -6.28
C1' ANP C . -12.75 -4.46 -6.56
N9 ANP C . -12.50 -3.41 -7.55
C8 ANP C . -11.30 -2.99 -7.98
N7 ANP C . -11.40 -2.00 -8.91
C5 ANP C . -12.71 -1.80 -9.07
C6 ANP C . -13.45 -0.89 -9.92
N6 ANP C . -12.75 -0.05 -10.74
N1 ANP C . -14.80 -0.95 -9.84
C2 ANP C . -15.45 -1.82 -9.00
N3 ANP C . -14.80 -2.69 -8.19
C4 ANP C . -13.45 -2.71 -8.18
#